data_1XC4
#
_entry.id   1XC4
#
_cell.length_a   162.273
_cell.length_b   44.479
_cell.length_c   71.519
_cell.angle_alpha   90.00
_cell.angle_beta   106.56
_cell.angle_gamma   90.00
#
_symmetry.space_group_name_H-M   'C 1 2 1'
#
loop_
_entity.id
_entity.type
_entity.pdbx_description
1 polymer 'Tryptophan synthase alpha chain'
2 non-polymer 'SULFATE ION'
3 non-polymer GLYCEROL
4 water water
#
_entity_poly.entity_id   1
_entity_poly.type   'polypeptide(L)'
_entity_poly.pdbx_seq_one_letter_code
;MERYESLFAQLKERKEGAFVPFVTLGDPGIEQSLKIIDTLIEAGADALELGIPFSDPLADGPTIQNATLRAFAAGVTPAQ
CFEMLALIREKHPTIPIGLLMYANLVFNKGIDEFYARCEKVGVDSVLVADVPVEESAPFRQAALRHNVAPIFICPPNADD
DLLRQIASYGRGYTYLLSRAGVTGAENRAALPLNHLVAKLKEYNAAPPLQGFGISAPDQVKAAIDAGAAGAISGSAIVKI
IEQHINEPEKMLAALKVFVQPMKAATRS
;
_entity_poly.pdbx_strand_id   A,B
#
loop_
_chem_comp.id
_chem_comp.type
_chem_comp.name
_chem_comp.formula
GOL non-polymer GLYCEROL 'C3 H8 O3'
SO4 non-polymer 'SULFATE ION' 'O4 S -2'
#
# COMPACT_ATOMS: atom_id res chain seq x y z
N MET A 1 25.93 -15.34 -5.28
CA MET A 1 27.16 -15.82 -4.61
C MET A 1 27.07 -15.53 -3.12
N GLU A 2 27.82 -16.29 -2.32
CA GLU A 2 27.83 -16.16 -0.87
C GLU A 2 26.56 -15.48 -0.32
N ARG A 3 26.61 -14.17 -0.09
CA ARG A 3 25.46 -13.43 0.44
C ARG A 3 24.13 -13.84 -0.20
N TYR A 4 24.06 -13.76 -1.52
CA TYR A 4 22.83 -14.13 -2.22
C TYR A 4 22.44 -15.56 -1.90
N GLU A 5 23.43 -16.46 -1.99
CA GLU A 5 23.21 -17.88 -1.71
C GLU A 5 22.53 -18.03 -0.35
N SER A 6 23.30 -17.79 0.70
CA SER A 6 22.82 -17.91 2.07
C SER A 6 21.46 -17.25 2.30
N LEU A 7 21.27 -16.03 1.79
CA LEU A 7 20.00 -15.34 1.93
C LEU A 7 18.91 -16.24 1.37
N PHE A 8 19.14 -16.78 0.19
CA PHE A 8 18.15 -17.67 -0.43
C PHE A 8 17.95 -18.96 0.35
N ALA A 9 18.98 -19.39 1.07
CA ALA A 9 18.90 -20.60 1.86
C ALA A 9 17.92 -20.38 3.03
N GLN A 10 18.14 -19.31 3.78
CA GLN A 10 17.30 -18.98 4.91
C GLN A 10 15.93 -18.45 4.48
N LEU A 11 15.71 -18.37 3.18
CA LEU A 11 14.43 -17.91 2.64
C LEU A 11 13.59 -19.16 2.38
N LYS A 12 14.27 -20.24 2.02
CA LYS A 12 13.64 -21.52 1.75
C LYS A 12 13.03 -22.03 3.06
N GLU A 13 13.90 -22.25 4.02
CA GLU A 13 13.54 -22.73 5.35
C GLU A 13 12.35 -21.97 5.91
N ARG A 14 12.27 -20.69 5.58
CA ARG A 14 11.17 -19.86 6.04
C ARG A 14 9.94 -19.97 5.13
N LYS A 15 10.09 -20.69 4.03
CA LYS A 15 9.00 -20.85 3.06
C LYS A 15 8.54 -19.50 2.53
N GLU A 16 9.50 -18.59 2.31
CA GLU A 16 9.18 -17.27 1.79
C GLU A 16 10.19 -16.71 0.79
N GLY A 17 9.67 -15.95 -0.16
CA GLY A 17 10.51 -15.34 -1.18
C GLY A 17 11.04 -14.01 -0.70
N ALA A 18 11.92 -13.40 -1.48
CA ALA A 18 12.52 -12.13 -1.11
C ALA A 18 11.89 -10.91 -1.79
N PHE A 19 11.91 -9.80 -1.08
CA PHE A 19 11.39 -8.55 -1.59
C PHE A 19 12.63 -7.67 -1.78
N VAL A 20 12.86 -7.24 -3.01
CA VAL A 20 14.03 -6.44 -3.30
C VAL A 20 13.69 -5.08 -3.88
N PRO A 21 13.55 -4.05 -3.03
CA PRO A 21 13.22 -2.73 -3.54
C PRO A 21 14.40 -2.18 -4.36
N PHE A 22 14.10 -1.20 -5.22
CA PHE A 22 15.13 -0.57 -6.03
C PHE A 22 15.12 0.90 -5.75
N VAL A 23 16.32 1.46 -5.61
CA VAL A 23 16.47 2.87 -5.30
C VAL A 23 17.69 3.38 -6.04
N THR A 24 17.72 4.68 -6.30
CA THR A 24 18.83 5.30 -7.00
C THR A 24 19.71 6.04 -6.00
N LEU A 25 20.94 5.58 -5.86
CA LEU A 25 21.89 6.19 -4.93
C LEU A 25 21.89 7.71 -5.01
N GLY A 26 21.77 8.35 -3.85
CA GLY A 26 21.78 9.81 -3.79
C GLY A 26 20.47 10.44 -4.19
N ASP A 27 19.41 9.65 -4.16
CA ASP A 27 18.08 10.12 -4.51
C ASP A 27 17.18 10.14 -3.28
N PRO A 28 16.68 11.32 -2.89
CA PRO A 28 16.87 12.64 -3.51
C PRO A 28 18.17 13.30 -3.11
N GLY A 29 18.80 12.81 -2.05
CA GLY A 29 20.06 13.36 -1.61
C GLY A 29 20.91 12.23 -1.09
N ILE A 30 22.19 12.50 -0.85
CA ILE A 30 23.11 11.48 -0.33
C ILE A 30 22.78 11.11 1.12
N GLU A 31 22.65 12.12 1.97
CA GLU A 31 22.33 11.86 3.38
C GLU A 31 20.95 11.21 3.47
N GLN A 32 20.01 11.74 2.70
CA GLN A 32 18.65 11.22 2.67
C GLN A 32 18.63 9.81 2.10
N SER A 33 19.29 9.63 0.96
CA SER A 33 19.36 8.33 0.31
C SER A 33 19.71 7.27 1.34
N LEU A 34 20.85 7.44 2.01
CA LEU A 34 21.26 6.48 3.01
C LEU A 34 20.13 6.33 4.02
N LYS A 35 19.60 7.46 4.47
CA LYS A 35 18.52 7.47 5.44
C LYS A 35 17.36 6.68 4.88
N ILE A 36 17.36 6.47 3.56
CA ILE A 36 16.31 5.73 2.87
C ILE A 36 16.63 4.24 2.94
N ILE A 37 17.74 3.85 2.35
CA ILE A 37 18.16 2.45 2.35
C ILE A 37 18.02 1.76 3.71
N ASP A 38 18.53 2.37 4.78
CA ASP A 38 18.39 1.77 6.11
C ASP A 38 16.92 1.47 6.40
N THR A 39 16.08 2.47 6.16
CA THR A 39 14.65 2.34 6.40
C THR A 39 14.02 1.21 5.58
N LEU A 40 14.42 1.09 4.33
CA LEU A 40 13.91 0.03 3.46
C LEU A 40 14.25 -1.32 4.09
N ILE A 41 15.50 -1.42 4.53
CA ILE A 41 16.03 -2.62 5.16
C ILE A 41 15.20 -2.98 6.38
N GLU A 42 15.24 -2.12 7.40
CA GLU A 42 14.50 -2.35 8.63
C GLU A 42 12.98 -2.42 8.45
N ALA A 43 12.53 -2.51 7.21
CA ALA A 43 11.10 -2.60 6.94
C ALA A 43 10.72 -3.96 6.39
N GLY A 44 11.72 -4.72 5.94
CA GLY A 44 11.45 -6.04 5.40
C GLY A 44 12.37 -6.45 4.27
N ALA A 45 13.04 -5.47 3.68
CA ALA A 45 13.96 -5.73 2.58
C ALA A 45 14.94 -6.86 2.87
N ASP A 46 15.05 -7.81 1.94
CA ASP A 46 15.96 -8.94 2.13
C ASP A 46 17.24 -8.75 1.33
N ALA A 47 17.16 -7.93 0.29
CA ALA A 47 18.28 -7.65 -0.60
C ALA A 47 18.01 -6.35 -1.36
N LEU A 48 19.01 -5.49 -1.44
CA LEU A 48 18.88 -4.21 -2.14
C LEU A 48 19.25 -4.28 -3.63
N GLU A 49 18.59 -3.46 -4.42
CA GLU A 49 18.85 -3.37 -5.87
C GLU A 49 19.12 -1.89 -6.02
N LEU A 50 20.39 -1.50 -5.86
CA LEU A 50 20.82 -0.12 -5.92
C LEU A 50 21.17 0.43 -7.33
N GLY A 51 20.40 1.44 -7.76
CA GLY A 51 20.63 2.06 -9.04
C GLY A 51 21.73 3.09 -9.02
N ILE A 52 22.47 3.20 -10.13
CA ILE A 52 23.58 4.14 -10.23
C ILE A 52 23.36 5.22 -11.29
N PRO A 53 23.35 6.49 -10.88
CA PRO A 53 23.15 7.63 -11.77
C PRO A 53 24.34 7.96 -12.69
N PHE A 54 24.03 8.54 -13.84
CA PHE A 54 25.01 8.94 -14.85
C PHE A 54 25.55 7.72 -15.59
N VAL A 76 25.81 13.67 -8.25
CA VAL A 76 26.34 12.57 -7.47
C VAL A 76 27.38 11.80 -8.26
N THR A 77 28.64 11.95 -7.88
CA THR A 77 29.73 11.26 -8.57
C THR A 77 29.81 9.80 -8.15
N PRO A 78 30.56 8.98 -8.90
CA PRO A 78 30.71 7.56 -8.60
C PRO A 78 31.37 7.36 -7.23
N ALA A 79 32.50 8.04 -7.03
CA ALA A 79 33.24 7.94 -5.79
C ALA A 79 32.33 8.07 -4.57
N GLN A 80 31.22 8.79 -4.73
CA GLN A 80 30.26 8.98 -3.66
C GLN A 80 29.35 7.75 -3.61
N CYS A 81 28.84 7.34 -4.75
CA CYS A 81 27.97 6.17 -4.80
C CYS A 81 28.69 4.97 -4.23
N PHE A 82 29.97 4.84 -4.53
CA PHE A 82 30.77 3.74 -4.01
C PHE A 82 31.03 3.98 -2.53
N GLU A 83 31.10 5.26 -2.15
CA GLU A 83 31.35 5.62 -0.77
C GLU A 83 30.13 5.26 0.07
N MET A 84 28.94 5.40 -0.53
CA MET A 84 27.69 5.07 0.14
C MET A 84 27.58 3.56 0.25
N LEU A 85 27.90 2.85 -0.82
CA LEU A 85 27.84 1.39 -0.82
C LEU A 85 28.72 0.86 0.30
N ALA A 86 29.89 1.47 0.44
CA ALA A 86 30.82 1.06 1.48
C ALA A 86 30.17 1.26 2.86
N LEU A 87 29.53 2.42 3.03
CA LEU A 87 28.84 2.76 4.27
C LEU A 87 27.73 1.76 4.53
N ILE A 88 26.85 1.58 3.55
CA ILE A 88 25.73 0.65 3.69
C ILE A 88 26.26 -0.70 4.17
N ARG A 89 27.17 -1.28 3.38
CA ARG A 89 27.79 -2.55 3.71
C ARG A 89 28.22 -2.58 5.18
N GLU A 90 29.07 -1.63 5.58
CA GLU A 90 29.54 -1.57 6.95
C GLU A 90 28.36 -1.55 7.91
N LYS A 91 27.32 -0.82 7.53
CA LYS A 91 26.12 -0.70 8.35
C LYS A 91 25.27 -1.98 8.31
N HIS A 92 25.29 -2.67 7.17
CA HIS A 92 24.50 -3.89 6.95
C HIS A 92 25.36 -4.97 6.27
N PRO A 93 26.17 -5.70 7.06
CA PRO A 93 27.07 -6.75 6.58
C PRO A 93 26.59 -7.91 5.70
N THR A 94 25.43 -8.49 5.98
CA THR A 94 24.97 -9.63 5.18
C THR A 94 23.97 -9.33 4.07
N ILE A 95 23.33 -8.16 4.12
CA ILE A 95 22.35 -7.77 3.10
C ILE A 95 22.94 -7.82 1.68
N PRO A 96 22.35 -8.65 0.80
CA PRO A 96 22.83 -8.78 -0.58
C PRO A 96 22.71 -7.46 -1.33
N ILE A 97 23.86 -6.88 -1.66
CA ILE A 97 23.90 -5.61 -2.36
C ILE A 97 24.21 -5.82 -3.83
N GLY A 98 23.22 -5.55 -4.68
CA GLY A 98 23.40 -5.71 -6.10
C GLY A 98 23.16 -4.38 -6.77
N LEU A 99 23.95 -4.03 -7.77
CA LEU A 99 23.79 -2.76 -8.45
C LEU A 99 23.11 -2.94 -9.80
N LEU A 100 22.56 -1.84 -10.32
CA LEU A 100 21.88 -1.83 -11.61
C LEU A 100 22.27 -0.57 -12.38
N MET A 101 23.00 -0.75 -13.46
CA MET A 101 23.42 0.38 -14.27
C MET A 101 23.73 0.04 -15.72
N TYR A 102 24.06 1.07 -16.48
CA TYR A 102 24.39 0.94 -17.90
C TYR A 102 25.90 0.80 -18.02
N ALA A 103 26.36 0.41 -19.20
CA ALA A 103 27.79 0.19 -19.49
C ALA A 103 28.76 1.38 -19.48
N ASN A 104 28.26 2.60 -19.60
CA ASN A 104 29.15 3.75 -19.60
C ASN A 104 30.03 3.90 -18.37
N LEU A 105 29.42 4.00 -17.20
CA LEU A 105 30.20 4.15 -15.97
C LEU A 105 31.30 3.08 -15.93
N VAL A 106 30.93 1.84 -16.23
CA VAL A 106 31.88 0.74 -16.24
C VAL A 106 32.93 0.99 -17.30
N PHE A 107 32.47 1.26 -18.52
CA PHE A 107 33.39 1.53 -19.61
C PHE A 107 34.29 2.71 -19.28
N ASN A 108 33.81 3.56 -18.37
CA ASN A 108 34.55 4.74 -17.94
C ASN A 108 35.77 4.43 -17.07
N LYS A 109 35.54 3.67 -16.01
CA LYS A 109 36.61 3.29 -15.08
C LYS A 109 37.39 2.03 -15.46
N GLY A 110 37.29 1.61 -16.73
CA GLY A 110 37.98 0.41 -17.15
C GLY A 110 37.25 -0.76 -16.50
N ILE A 111 36.69 -1.64 -17.32
CA ILE A 111 35.93 -2.78 -16.82
C ILE A 111 36.49 -3.36 -15.51
N ASP A 112 37.70 -3.89 -15.56
CA ASP A 112 38.32 -4.48 -14.38
C ASP A 112 38.31 -3.62 -13.12
N GLU A 113 38.88 -2.42 -13.20
CA GLU A 113 38.91 -1.54 -12.04
C GLU A 113 37.53 -1.29 -11.46
N PHE A 114 36.50 -1.34 -12.29
CA PHE A 114 35.15 -1.12 -11.80
C PHE A 114 34.83 -2.24 -10.82
N TYR A 115 34.74 -3.46 -11.33
CA TYR A 115 34.43 -4.62 -10.51
C TYR A 115 35.35 -4.72 -9.31
N ALA A 116 36.63 -4.43 -9.50
CA ALA A 116 37.59 -4.50 -8.42
C ALA A 116 37.18 -3.51 -7.35
N ARG A 117 36.62 -2.38 -7.79
CA ARG A 117 36.17 -1.34 -6.87
C ARG A 117 34.83 -1.71 -6.25
N CYS A 118 34.13 -2.65 -6.88
CA CYS A 118 32.84 -3.11 -6.37
C CYS A 118 33.12 -4.19 -5.33
N GLU A 119 34.15 -4.99 -5.60
CA GLU A 119 34.53 -6.05 -4.69
C GLU A 119 35.10 -5.46 -3.41
N LYS A 120 35.57 -4.21 -3.49
CA LYS A 120 36.16 -3.56 -2.33
C LYS A 120 35.16 -2.80 -1.47
N VAL A 121 34.02 -2.42 -2.03
CA VAL A 121 33.02 -1.69 -1.25
C VAL A 121 31.90 -2.57 -0.69
N GLY A 122 31.83 -3.81 -1.13
CA GLY A 122 30.81 -4.71 -0.62
C GLY A 122 29.81 -5.29 -1.60
N VAL A 123 29.48 -4.57 -2.67
CA VAL A 123 28.52 -5.07 -3.66
C VAL A 123 28.73 -6.54 -3.91
N ASP A 124 27.65 -7.26 -4.18
CA ASP A 124 27.75 -8.69 -4.41
C ASP A 124 27.53 -9.04 -5.88
N SER A 125 26.82 -8.17 -6.59
CA SER A 125 26.52 -8.41 -7.98
C SER A 125 26.33 -7.09 -8.73
N VAL A 126 26.46 -7.15 -10.06
CA VAL A 126 26.30 -5.97 -10.89
C VAL A 126 25.71 -6.31 -12.26
N LEU A 127 24.51 -5.81 -12.51
CA LEU A 127 23.79 -6.03 -13.78
C LEU A 127 23.97 -4.83 -14.70
N VAL A 128 24.65 -5.05 -15.83
CA VAL A 128 24.92 -3.99 -16.80
C VAL A 128 23.96 -4.02 -17.98
N ALA A 129 22.80 -3.41 -17.81
CA ALA A 129 21.79 -3.36 -18.86
C ALA A 129 22.31 -3.46 -20.29
N ASP A 130 22.52 -2.31 -20.92
CA ASP A 130 22.97 -2.22 -22.31
C ASP A 130 23.87 -3.34 -22.84
N VAL A 131 24.64 -3.97 -21.98
CA VAL A 131 25.49 -5.06 -22.43
C VAL A 131 24.62 -6.25 -22.85
N PRO A 132 24.63 -6.59 -24.15
CA PRO A 132 23.81 -7.73 -24.58
C PRO A 132 24.48 -9.01 -24.06
N VAL A 133 23.74 -10.11 -24.02
CA VAL A 133 24.29 -11.35 -23.49
C VAL A 133 25.55 -11.88 -24.15
N GLU A 134 25.61 -11.79 -25.48
CA GLU A 134 26.76 -12.31 -26.22
C GLU A 134 28.00 -11.44 -26.14
N GLU A 135 27.85 -10.22 -25.67
CA GLU A 135 28.99 -9.31 -25.58
C GLU A 135 29.39 -9.06 -24.13
N SER A 136 28.86 -9.88 -23.22
CA SER A 136 29.13 -9.78 -21.79
C SER A 136 30.50 -10.27 -21.37
N ALA A 137 31.07 -11.17 -22.17
CA ALA A 137 32.36 -11.78 -21.90
C ALA A 137 33.30 -11.04 -20.94
N PRO A 138 33.78 -9.84 -21.32
CA PRO A 138 34.68 -9.10 -20.43
C PRO A 138 34.13 -8.78 -19.04
N PHE A 139 32.81 -8.66 -18.93
CA PHE A 139 32.20 -8.33 -17.65
C PHE A 139 32.07 -9.60 -16.81
N ARG A 140 31.55 -10.64 -17.45
CA ARG A 140 31.37 -11.92 -16.81
C ARG A 140 32.69 -12.36 -16.19
N GLN A 141 33.78 -12.01 -16.87
CA GLN A 141 35.12 -12.36 -16.39
C GLN A 141 35.53 -11.45 -15.26
N ALA A 142 35.45 -10.15 -15.51
CA ALA A 142 35.81 -9.12 -14.53
C ALA A 142 35.12 -9.34 -13.19
N ALA A 143 33.84 -9.66 -13.22
CA ALA A 143 33.10 -9.88 -11.99
C ALA A 143 33.62 -11.14 -11.31
N LEU A 144 33.91 -12.15 -12.12
CA LEU A 144 34.42 -13.39 -11.57
C LEU A 144 35.83 -13.22 -11.01
N ARG A 145 36.62 -12.35 -11.64
CA ARG A 145 37.98 -12.10 -11.17
C ARG A 145 37.94 -11.39 -9.82
N HIS A 146 36.99 -10.49 -9.66
CA HIS A 146 36.88 -9.72 -8.43
C HIS A 146 35.68 -10.12 -7.57
N ASN A 147 35.41 -11.42 -7.48
CA ASN A 147 34.32 -11.95 -6.68
C ASN A 147 33.04 -11.11 -6.63
N VAL A 148 32.45 -10.93 -7.81
CA VAL A 148 31.18 -10.20 -7.95
C VAL A 148 30.35 -11.12 -8.82
N ALA A 149 29.04 -11.12 -8.63
CA ALA A 149 28.18 -11.98 -9.42
C ALA A 149 27.72 -11.34 -10.71
N PRO A 150 28.01 -11.98 -11.85
CA PRO A 150 27.62 -11.48 -13.18
C PRO A 150 26.11 -11.73 -13.31
N ILE A 151 25.33 -10.67 -13.37
CA ILE A 151 23.88 -10.80 -13.48
C ILE A 151 23.37 -10.54 -14.90
N PHE A 152 22.37 -11.31 -15.32
CA PHE A 152 21.81 -11.19 -16.66
C PHE A 152 20.28 -11.04 -16.65
N ILE A 153 19.72 -10.62 -17.77
CA ILE A 153 18.28 -10.43 -17.86
C ILE A 153 17.67 -11.50 -18.75
N CYS A 154 16.63 -12.16 -18.25
CA CYS A 154 15.93 -13.21 -18.99
C CYS A 154 14.56 -12.66 -19.37
N PRO A 155 14.39 -12.27 -20.65
CA PRO A 155 13.13 -11.73 -21.12
C PRO A 155 12.01 -12.75 -21.06
N PRO A 156 10.75 -12.30 -20.91
CA PRO A 156 9.61 -13.21 -20.83
C PRO A 156 9.49 -14.15 -22.03
N ASN A 157 10.10 -13.77 -23.14
CA ASN A 157 10.06 -14.57 -24.37
C ASN A 157 11.40 -15.17 -24.75
N ALA A 158 12.18 -15.58 -23.76
CA ALA A 158 13.49 -16.17 -24.00
C ALA A 158 13.40 -17.59 -24.54
N ASP A 159 14.10 -17.86 -25.64
CA ASP A 159 14.09 -19.19 -26.22
C ASP A 159 14.96 -20.14 -25.42
N ASP A 160 14.71 -21.44 -25.55
CA ASP A 160 15.48 -22.44 -24.82
C ASP A 160 16.97 -22.14 -24.88
N ASP A 161 17.45 -21.66 -26.03
CA ASP A 161 18.86 -21.35 -26.18
C ASP A 161 19.28 -20.31 -25.13
N LEU A 162 18.72 -19.11 -25.24
CA LEU A 162 19.01 -18.04 -24.30
C LEU A 162 18.96 -18.51 -22.85
N LEU A 163 17.91 -19.25 -22.50
CA LEU A 163 17.78 -19.73 -21.13
C LEU A 163 19.06 -20.43 -20.71
N ARG A 164 19.52 -21.37 -21.53
CA ARG A 164 20.73 -22.12 -21.26
C ARG A 164 21.95 -21.21 -21.10
N GLN A 165 22.05 -20.21 -21.98
CA GLN A 165 23.16 -19.26 -21.91
C GLN A 165 23.16 -18.63 -20.51
N ILE A 166 22.15 -17.83 -20.25
CA ILE A 166 21.96 -17.13 -18.98
C ILE A 166 22.22 -18.02 -17.77
N ALA A 167 21.53 -19.15 -17.72
CA ALA A 167 21.69 -20.09 -16.61
C ALA A 167 23.14 -20.35 -16.23
N SER A 168 23.95 -20.72 -17.20
CA SER A 168 25.35 -21.03 -16.92
C SER A 168 26.21 -19.81 -16.63
N TYR A 169 26.04 -18.75 -17.42
CA TYR A 169 26.85 -17.54 -17.25
C TYR A 169 26.62 -16.75 -15.97
N GLY A 170 25.40 -16.79 -15.43
CA GLY A 170 25.09 -16.03 -14.24
C GLY A 170 25.22 -16.68 -12.87
N ARG A 171 25.71 -15.89 -11.91
CA ARG A 171 25.89 -16.34 -10.52
C ARG A 171 24.99 -15.45 -9.66
N GLY A 172 24.82 -15.84 -8.39
CA GLY A 172 24.00 -15.04 -7.48
C GLY A 172 22.49 -15.17 -7.65
N TYR A 173 21.89 -14.24 -8.40
CA TYR A 173 20.46 -14.26 -8.69
C TYR A 173 20.21 -14.12 -10.20
N THR A 174 18.95 -14.18 -10.62
CA THR A 174 18.60 -14.06 -12.04
C THR A 174 17.50 -13.03 -12.22
N TYR A 175 17.72 -12.05 -13.08
CA TYR A 175 16.69 -11.04 -13.30
C TYR A 175 15.68 -11.48 -14.35
N LEU A 176 14.51 -11.92 -13.89
CA LEU A 176 13.45 -12.40 -14.77
C LEU A 176 12.54 -11.25 -15.20
N LEU A 177 12.55 -10.94 -16.49
CA LEU A 177 11.74 -9.85 -17.03
C LEU A 177 10.27 -10.26 -17.17
N SER A 178 9.37 -9.44 -16.65
CA SER A 178 7.94 -9.73 -16.72
C SER A 178 7.37 -9.51 -18.12
N ARG A 179 6.26 -10.17 -18.40
CA ARG A 179 5.60 -10.07 -19.69
C ARG A 179 5.02 -8.68 -19.90
N ALA A 180 5.51 -7.74 -19.09
CA ALA A 180 5.05 -6.35 -19.17
C ALA A 180 6.19 -5.48 -19.68
N GLY A 181 7.37 -6.07 -19.80
CA GLY A 181 8.52 -5.33 -20.27
C GLY A 181 9.23 -6.03 -21.43
N ALA A 189 6.94 -13.82 -28.11
CA ALA A 189 5.78 -13.86 -27.23
C ALA A 189 6.19 -14.26 -25.83
N ALA A 190 5.57 -13.64 -24.83
CA ALA A 190 5.87 -13.91 -23.43
C ALA A 190 5.19 -15.19 -22.94
N LEU A 191 6.00 -16.17 -22.57
CA LEU A 191 5.50 -17.43 -22.05
C LEU A 191 5.12 -17.16 -20.60
N PRO A 192 4.10 -17.84 -20.08
CA PRO A 192 3.74 -17.60 -18.68
C PRO A 192 4.95 -17.77 -17.76
N LEU A 193 5.10 -16.83 -16.83
CA LEU A 193 6.20 -16.79 -15.89
C LEU A 193 6.44 -18.04 -15.05
N ASN A 194 5.73 -19.13 -15.33
CA ASN A 194 5.93 -20.36 -14.57
C ASN A 194 6.88 -21.24 -15.33
N HIS A 195 6.70 -21.32 -16.64
CA HIS A 195 7.55 -22.11 -17.51
C HIS A 195 9.01 -21.70 -17.27
N LEU A 196 9.25 -20.40 -17.24
CA LEU A 196 10.58 -19.84 -17.03
C LEU A 196 11.24 -20.32 -15.74
N VAL A 197 10.60 -20.05 -14.61
CA VAL A 197 11.13 -20.48 -13.32
C VAL A 197 11.51 -21.96 -13.38
N ALA A 198 10.67 -22.78 -14.01
CA ALA A 198 10.97 -24.20 -14.15
C ALA A 198 12.20 -24.35 -15.02
N LYS A 199 12.14 -23.79 -16.23
CA LYS A 199 13.26 -23.91 -17.14
C LYS A 199 14.57 -23.45 -16.55
N LEU A 200 14.51 -22.74 -15.43
CA LEU A 200 15.72 -22.31 -14.75
C LEU A 200 16.06 -23.42 -13.74
N LYS A 201 15.06 -23.82 -12.96
CA LYS A 201 15.25 -24.89 -11.98
C LYS A 201 15.95 -26.05 -12.68
N GLU A 202 15.58 -26.23 -13.94
CA GLU A 202 16.11 -27.30 -14.76
C GLU A 202 17.59 -27.08 -15.07
N TYR A 203 17.92 -25.93 -15.65
CA TYR A 203 19.30 -25.65 -16.01
C TYR A 203 20.12 -24.99 -14.90
N ASN A 204 19.83 -25.36 -13.66
CA ASN A 204 20.53 -24.85 -12.48
C ASN A 204 20.91 -23.37 -12.50
N ALA A 205 20.00 -22.53 -12.98
CA ALA A 205 20.29 -21.10 -13.03
C ALA A 205 20.07 -20.48 -11.65
N ALA A 206 20.80 -19.41 -11.39
CA ALA A 206 20.70 -18.73 -10.12
C ALA A 206 19.22 -18.41 -9.86
N PRO A 207 18.81 -18.32 -8.58
CA PRO A 207 17.44 -18.02 -8.22
C PRO A 207 16.94 -16.76 -8.92
N PRO A 208 15.79 -16.85 -9.59
CA PRO A 208 15.19 -15.73 -10.33
C PRO A 208 14.36 -14.73 -9.52
N LEU A 209 14.71 -13.46 -9.65
CA LEU A 209 14.01 -12.37 -8.98
C LEU A 209 13.29 -11.62 -10.08
N GLN A 210 11.96 -11.69 -10.07
CA GLN A 210 11.15 -11.03 -11.09
C GLN A 210 11.02 -9.54 -10.85
N GLY A 211 11.27 -8.76 -11.90
CA GLY A 211 11.19 -7.31 -11.82
C GLY A 211 10.39 -6.71 -12.95
N PHE A 212 10.03 -5.43 -12.82
CA PHE A 212 9.24 -4.66 -13.80
C PHE A 212 7.72 -4.67 -13.59
N GLY A 213 7.17 -3.50 -13.24
CA GLY A 213 5.74 -3.35 -13.03
C GLY A 213 5.15 -4.05 -11.81
N ILE A 214 5.96 -4.30 -10.80
CA ILE A 214 5.48 -4.96 -9.60
C ILE A 214 5.58 -3.98 -8.45
N SER A 215 4.50 -3.25 -8.21
CA SER A 215 4.47 -2.28 -7.13
C SER A 215 3.28 -2.52 -6.24
N ALA A 216 2.92 -3.79 -6.07
CA ALA A 216 1.77 -4.14 -5.25
C ALA A 216 1.94 -5.50 -4.60
N PRO A 217 1.43 -5.65 -3.36
CA PRO A 217 1.55 -6.93 -2.68
C PRO A 217 0.94 -8.01 -3.58
N ASP A 218 -0.08 -7.61 -4.33
CA ASP A 218 -0.77 -8.49 -5.28
C ASP A 218 0.22 -9.21 -6.17
N GLN A 219 0.89 -8.41 -7.00
CA GLN A 219 1.88 -8.88 -7.97
C GLN A 219 3.06 -9.58 -7.30
N VAL A 220 3.45 -9.10 -6.13
CA VAL A 220 4.57 -9.73 -5.42
C VAL A 220 4.08 -11.12 -4.95
N LYS A 221 2.86 -11.16 -4.44
CA LYS A 221 2.24 -12.38 -3.94
C LYS A 221 2.19 -13.41 -5.04
N ALA A 222 1.83 -12.97 -6.24
CA ALA A 222 1.72 -13.83 -7.41
C ALA A 222 3.10 -14.21 -7.91
N ALA A 223 3.99 -13.24 -7.99
CA ALA A 223 5.32 -13.49 -8.45
C ALA A 223 5.85 -14.74 -7.76
N ILE A 224 5.79 -14.75 -6.43
CA ILE A 224 6.27 -15.88 -5.66
C ILE A 224 5.50 -17.18 -5.89
N ASP A 225 4.18 -17.09 -6.01
CA ASP A 225 3.41 -18.31 -6.24
C ASP A 225 3.88 -18.96 -7.52
N ALA A 226 4.18 -18.14 -8.52
CA ALA A 226 4.66 -18.64 -9.81
C ALA A 226 6.00 -19.36 -9.68
N GLY A 227 6.61 -19.28 -8.50
CA GLY A 227 7.89 -19.96 -8.29
C GLY A 227 9.11 -19.08 -8.32
N ALA A 228 8.92 -17.78 -8.50
CA ALA A 228 10.07 -16.90 -8.54
C ALA A 228 10.59 -16.84 -7.11
N ALA A 229 11.87 -16.51 -6.96
CA ALA A 229 12.50 -16.44 -5.65
C ALA A 229 12.38 -15.08 -4.98
N GLY A 230 11.77 -14.12 -5.67
CA GLY A 230 11.61 -12.79 -5.09
C GLY A 230 11.21 -11.71 -6.09
N ALA A 231 10.70 -10.60 -5.58
CA ALA A 231 10.26 -9.52 -6.46
C ALA A 231 11.03 -8.25 -6.24
N ILE A 232 10.98 -7.38 -7.26
CA ILE A 232 11.65 -6.10 -7.25
C ILE A 232 10.70 -4.96 -7.66
N SER A 233 10.77 -3.85 -6.94
CA SER A 233 9.92 -2.71 -7.26
C SER A 233 10.79 -1.46 -7.15
N GLY A 234 10.48 -0.44 -7.96
CA GLY A 234 11.27 0.79 -7.92
C GLY A 234 10.45 2.03 -8.20
N SER A 235 9.45 1.90 -9.06
CA SER A 235 8.57 3.01 -9.38
C SER A 235 7.93 3.56 -8.11
N ALA A 236 7.21 2.70 -7.41
CA ALA A 236 6.53 3.07 -6.17
C ALA A 236 7.48 3.80 -5.22
N ILE A 237 8.67 3.23 -5.05
CA ILE A 237 9.70 3.79 -4.19
C ILE A 237 9.99 5.23 -4.62
N VAL A 238 9.94 5.46 -5.93
CA VAL A 238 10.20 6.79 -6.49
C VAL A 238 9.02 7.71 -6.20
N LYS A 239 7.83 7.29 -6.61
CA LYS A 239 6.62 8.09 -6.38
C LYS A 239 6.53 8.60 -4.94
N ILE A 240 6.74 7.71 -3.98
CA ILE A 240 6.68 8.09 -2.56
C ILE A 240 7.72 9.16 -2.23
N ILE A 241 8.94 8.96 -2.72
CA ILE A 241 10.03 9.92 -2.50
C ILE A 241 9.59 11.24 -3.11
N GLU A 242 8.82 11.15 -4.19
CA GLU A 242 8.35 12.32 -4.91
C GLU A 242 7.34 13.13 -4.09
N GLN A 243 6.26 12.48 -3.66
CA GLN A 243 5.22 13.14 -2.88
C GLN A 243 5.72 13.68 -1.54
N HIS A 244 6.85 13.18 -1.09
CA HIS A 244 7.42 13.62 0.17
C HIS A 244 8.85 14.19 0.05
N ILE A 245 9.20 14.67 -1.13
CA ILE A 245 10.54 15.23 -1.34
C ILE A 245 10.73 16.54 -0.59
N ASN A 246 9.80 16.83 0.32
CA ASN A 246 9.84 18.05 1.12
C ASN A 246 9.75 17.68 2.59
N GLU A 247 9.30 16.45 2.84
CA GLU A 247 9.15 15.96 4.20
C GLU A 247 10.10 14.78 4.42
N PRO A 248 11.40 15.07 4.62
CA PRO A 248 12.43 14.03 4.85
C PRO A 248 12.00 12.99 5.86
N GLU A 249 11.36 13.43 6.93
CA GLU A 249 10.90 12.52 7.99
C GLU A 249 9.61 11.82 7.59
N LYS A 250 8.74 12.52 6.88
CA LYS A 250 7.48 11.94 6.43
C LYS A 250 7.74 10.94 5.32
N MET A 251 8.67 11.29 4.42
CA MET A 251 9.03 10.45 3.30
C MET A 251 9.38 9.03 3.73
N LEU A 252 10.10 8.93 4.85
CA LEU A 252 10.52 7.65 5.37
C LEU A 252 9.37 6.80 5.88
N ALA A 253 8.40 7.44 6.54
CA ALA A 253 7.24 6.73 7.08
C ALA A 253 6.47 6.10 5.93
N ALA A 254 6.24 6.86 4.87
CA ALA A 254 5.52 6.35 3.71
C ALA A 254 6.27 5.12 3.19
N LEU A 255 7.58 5.20 3.16
CA LEU A 255 8.41 4.10 2.69
C LEU A 255 8.35 2.97 3.70
N LYS A 256 8.37 3.33 4.97
CA LYS A 256 8.31 2.34 6.05
C LYS A 256 6.97 1.62 5.96
N VAL A 257 5.95 2.36 5.56
CA VAL A 257 4.61 1.82 5.39
C VAL A 257 4.54 1.03 4.09
N PHE A 258 5.36 1.39 3.11
CA PHE A 258 5.35 0.71 1.83
C PHE A 258 5.88 -0.73 1.84
N VAL A 259 7.03 -0.94 2.46
CA VAL A 259 7.64 -2.25 2.50
C VAL A 259 6.77 -3.34 3.14
N GLN A 260 6.79 -3.40 4.48
CA GLN A 260 6.03 -4.38 5.25
C GLN A 260 4.98 -5.15 4.45
N PRO A 261 3.97 -4.44 3.91
CA PRO A 261 2.97 -5.17 3.13
C PRO A 261 3.66 -5.92 1.99
N MET A 262 4.27 -5.19 1.05
CA MET A 262 4.99 -5.81 -0.08
C MET A 262 5.81 -7.00 0.42
N LYS A 263 6.66 -6.78 1.41
CA LYS A 263 7.48 -7.85 1.95
C LYS A 263 6.63 -8.98 2.52
N ALA A 264 5.51 -8.64 3.14
CA ALA A 264 4.62 -9.65 3.71
C ALA A 264 3.98 -10.50 2.59
N ALA A 265 3.87 -9.92 1.41
CA ALA A 265 3.29 -10.62 0.28
C ALA A 265 4.15 -11.79 -0.17
N THR A 266 5.31 -11.95 0.45
CA THR A 266 6.21 -13.05 0.08
C THR A 266 6.25 -14.19 1.09
N ARG A 267 5.25 -14.30 1.96
CA ARG A 267 5.27 -15.35 2.97
C ARG A 267 4.23 -16.46 2.92
N SER A 268 4.59 -17.56 3.60
CA SER A 268 3.81 -18.79 3.76
C SER A 268 3.05 -19.26 2.53
N MET B 1 -23.33 -0.86 15.83
CA MET B 1 -24.32 -1.93 16.17
C MET B 1 -24.08 -3.13 15.26
N GLU B 2 -24.53 -4.30 15.72
CA GLU B 2 -24.37 -5.55 14.98
C GLU B 2 -23.21 -5.51 13.97
N ARG B 3 -23.52 -5.22 12.70
CA ARG B 3 -22.48 -5.17 11.66
C ARG B 3 -21.20 -4.46 12.10
N TYR B 4 -21.32 -3.20 12.54
CA TYR B 4 -20.16 -2.45 13.00
C TYR B 4 -19.43 -3.19 14.11
N GLU B 5 -20.19 -3.67 15.10
CA GLU B 5 -19.63 -4.42 16.22
C GLU B 5 -18.75 -5.55 15.69
N SER B 6 -19.40 -6.58 15.14
CA SER B 6 -18.73 -7.75 14.60
C SER B 6 -17.52 -7.39 13.72
N LEU B 7 -17.71 -6.45 12.80
CA LEU B 7 -16.61 -6.03 11.94
C LEU B 7 -15.43 -5.64 12.82
N PHE B 8 -15.69 -4.84 13.85
CA PHE B 8 -14.64 -4.41 14.75
C PHE B 8 -14.04 -5.55 15.54
N ALA B 9 -14.84 -6.57 15.79
CA ALA B 9 -14.37 -7.74 16.53
C ALA B 9 -13.32 -8.47 15.69
N GLN B 10 -13.68 -8.78 14.45
CA GLN B 10 -12.78 -9.49 13.55
C GLN B 10 -11.64 -8.62 13.05
N LEU B 11 -11.60 -7.37 13.49
CA LEU B 11 -10.54 -6.44 13.13
C LEU B 11 -9.50 -6.50 14.23
N LYS B 12 -9.97 -6.72 15.45
CA LYS B 12 -9.11 -6.85 16.61
C LYS B 12 -8.22 -8.07 16.44
N GLU B 13 -8.87 -9.23 16.36
CA GLU B 13 -8.23 -10.52 16.19
C GLU B 13 -7.17 -10.47 15.08
N ARG B 14 -7.42 -9.65 14.07
CA ARG B 14 -6.50 -9.50 12.96
C ARG B 14 -5.42 -8.46 13.26
N LYS B 15 -5.55 -7.79 14.40
CA LYS B 15 -4.59 -6.76 14.78
C LYS B 15 -4.54 -5.66 13.73
N GLU B 16 -5.70 -5.33 13.16
CA GLU B 16 -5.74 -4.28 12.14
C GLU B 16 -6.97 -3.38 12.21
N GLY B 17 -6.78 -2.11 11.84
CA GLY B 17 -7.85 -1.14 11.84
C GLY B 17 -8.61 -1.20 10.53
N ALA B 18 -9.70 -0.44 10.44
CA ALA B 18 -10.51 -0.45 9.23
C ALA B 18 -10.28 0.76 8.32
N PHE B 19 -10.44 0.53 7.02
CA PHE B 19 -10.30 1.59 6.03
C PHE B 19 -11.70 1.84 5.53
N VAL B 20 -12.20 3.05 5.70
CA VAL B 20 -13.55 3.38 5.27
C VAL B 20 -13.62 4.49 4.24
N PRO B 21 -13.58 4.15 2.95
CA PRO B 21 -13.65 5.20 1.92
C PRO B 21 -15.00 5.88 1.95
N PHE B 22 -15.05 7.09 1.41
CA PHE B 22 -16.30 7.83 1.32
C PHE B 22 -16.60 8.13 -0.14
N VAL B 23 -17.85 7.93 -0.53
CA VAL B 23 -18.27 8.18 -1.89
C VAL B 23 -19.68 8.78 -1.86
N THR B 24 -20.01 9.51 -2.92
CA THR B 24 -21.33 10.13 -3.02
C THR B 24 -22.20 9.32 -3.96
N LEU B 25 -23.28 8.74 -3.44
CA LEU B 25 -24.19 7.94 -4.24
C LEU B 25 -24.56 8.59 -5.57
N GLY B 26 -24.42 7.82 -6.64
CA GLY B 26 -24.75 8.33 -7.96
C GLY B 26 -23.68 9.20 -8.56
N ASP B 27 -22.47 9.11 -8.01
CA ASP B 27 -21.34 9.91 -8.48
C ASP B 27 -20.29 9.02 -9.15
N PRO B 28 -20.01 9.24 -10.45
CA PRO B 28 -20.58 10.25 -11.36
C PRO B 28 -21.96 9.88 -11.89
N GLY B 29 -22.29 8.60 -11.82
CA GLY B 29 -23.57 8.13 -12.32
C GLY B 29 -24.06 7.02 -11.42
N ILE B 30 -25.33 6.63 -11.57
CA ILE B 30 -25.90 5.57 -10.73
C ILE B 30 -25.30 4.20 -11.03
N GLU B 31 -25.26 3.86 -12.31
CA GLU B 31 -24.72 2.57 -12.71
C GLU B 31 -23.23 2.53 -12.35
N GLN B 32 -22.54 3.62 -12.65
CA GLN B 32 -21.12 3.75 -12.38
C GLN B 32 -20.86 3.74 -10.88
N SER B 33 -21.64 4.53 -10.15
CA SER B 33 -21.49 4.61 -8.70
C SER B 33 -21.46 3.19 -8.14
N LEU B 34 -22.51 2.43 -8.41
CA LEU B 34 -22.56 1.05 -7.91
C LEU B 34 -21.29 0.35 -8.35
N LYS B 35 -20.96 0.49 -9.63
CA LYS B 35 -19.78 -0.12 -10.20
C LYS B 35 -18.53 0.35 -9.44
N ILE B 36 -18.68 1.44 -8.69
CA ILE B 36 -17.60 2.00 -7.88
C ILE B 36 -17.55 1.30 -6.54
N ILE B 37 -18.64 1.42 -5.76
CA ILE B 37 -18.74 0.80 -4.44
C ILE B 37 -18.27 -0.67 -4.41
N ASP B 38 -18.73 -1.50 -5.34
CA ASP B 38 -18.29 -2.90 -5.37
C ASP B 38 -16.77 -2.94 -5.45
N THR B 39 -16.21 -2.16 -6.36
CA THR B 39 -14.76 -2.11 -6.56
C THR B 39 -14.02 -1.66 -5.31
N LEU B 40 -14.57 -0.67 -4.61
CA LEU B 40 -13.95 -0.18 -3.38
C LEU B 40 -13.89 -1.37 -2.40
N ILE B 41 -15.03 -2.05 -2.28
CA ILE B 41 -15.16 -3.20 -1.41
C ILE B 41 -14.11 -4.25 -1.70
N GLU B 42 -14.19 -4.82 -2.91
CA GLU B 42 -13.26 -5.87 -3.33
C GLU B 42 -11.80 -5.40 -3.41
N ALA B 43 -11.51 -4.23 -2.85
CA ALA B 43 -10.15 -3.69 -2.88
C ALA B 43 -9.56 -3.64 -1.47
N GLY B 44 -10.42 -3.75 -0.47
CA GLY B 44 -9.94 -3.71 0.90
C GLY B 44 -10.89 -3.06 1.88
N ALA B 45 -11.84 -2.30 1.34
CA ALA B 45 -12.83 -1.62 2.17
C ALA B 45 -13.46 -2.53 3.21
N ASP B 46 -13.48 -2.09 4.47
CA ASP B 46 -14.08 -2.88 5.54
C ASP B 46 -15.49 -2.37 5.89
N ALA B 47 -15.74 -1.10 5.57
CA ALA B 47 -17.02 -0.46 5.84
C ALA B 47 -17.13 0.77 4.97
N LEU B 48 -18.30 0.97 4.36
CA LEU B 48 -18.55 2.11 3.48
C LEU B 48 -19.10 3.32 4.22
N GLU B 49 -18.76 4.51 3.74
CA GLU B 49 -19.25 5.77 4.30
C GLU B 49 -19.89 6.43 3.08
N LEU B 50 -21.15 6.11 2.82
CA LEU B 50 -21.88 6.63 1.67
C LEU B 50 -22.53 8.02 1.83
N GLY B 51 -22.10 8.97 1.00
CA GLY B 51 -22.63 10.32 1.03
C GLY B 51 -23.92 10.45 0.26
N ILE B 52 -24.81 11.33 0.72
CA ILE B 52 -26.09 11.53 0.07
C ILE B 52 -26.26 12.95 -0.47
N PRO B 53 -26.50 13.08 -1.78
CA PRO B 53 -26.68 14.36 -2.46
C PRO B 53 -28.04 15.06 -2.23
N PHE B 54 -28.02 16.39 -2.29
CA PHE B 54 -29.20 17.22 -2.09
C PHE B 54 -29.52 17.30 -0.61
N VAL B 76 -30.16 12.93 -8.98
CA VAL B 76 -30.28 11.69 -8.23
C VAL B 76 -31.22 11.88 -7.05
N THR B 77 -32.41 11.32 -7.16
CA THR B 77 -33.40 11.44 -6.09
C THR B 77 -33.08 10.50 -4.94
N PRO B 78 -33.74 10.69 -3.80
CA PRO B 78 -33.53 9.85 -2.62
C PRO B 78 -33.92 8.40 -2.91
N ALA B 79 -35.13 8.22 -3.43
CA ALA B 79 -35.64 6.89 -3.76
C ALA B 79 -34.61 6.07 -4.52
N GLN B 80 -33.74 6.73 -5.26
CA GLN B 80 -32.70 6.05 -6.02
C GLN B 80 -31.55 5.71 -5.09
N CYS B 81 -31.12 6.70 -4.30
CA CYS B 81 -30.03 6.49 -3.36
C CYS B 81 -30.37 5.35 -2.41
N PHE B 82 -31.63 5.30 -1.97
CA PHE B 82 -32.09 4.23 -1.08
C PHE B 82 -32.20 2.95 -1.87
N GLU B 83 -32.48 3.09 -3.17
CA GLU B 83 -32.60 1.94 -4.04
C GLU B 83 -31.23 1.32 -4.24
N MET B 84 -30.22 2.17 -4.30
CA MET B 84 -28.84 1.69 -4.47
C MET B 84 -28.37 1.03 -3.18
N LEU B 85 -28.68 1.65 -2.06
CA LEU B 85 -28.30 1.11 -0.76
C LEU B 85 -28.89 -0.28 -0.62
N ALA B 86 -30.13 -0.45 -1.05
CA ALA B 86 -30.77 -1.75 -0.97
C ALA B 86 -30.02 -2.74 -1.84
N LEU B 87 -29.63 -2.29 -3.03
CA LEU B 87 -28.87 -3.14 -3.95
C LEU B 87 -27.52 -3.50 -3.33
N ILE B 88 -26.78 -2.50 -2.88
CA ILE B 88 -25.46 -2.73 -2.28
C ILE B 88 -25.61 -3.79 -1.20
N ARG B 89 -26.48 -3.51 -0.24
CA ARG B 89 -26.75 -4.44 0.86
C ARG B 89 -26.92 -5.87 0.34
N GLU B 90 -27.91 -6.05 -0.52
CA GLU B 90 -28.18 -7.36 -1.10
C GLU B 90 -26.91 -7.95 -1.70
N LYS B 91 -26.11 -7.09 -2.34
CA LYS B 91 -24.86 -7.52 -2.96
C LYS B 91 -23.76 -7.80 -1.93
N HIS B 92 -23.79 -7.05 -0.82
CA HIS B 92 -22.80 -7.17 0.24
C HIS B 92 -23.50 -7.13 1.60
N PRO B 93 -24.00 -8.29 2.06
CA PRO B 93 -24.72 -8.46 3.33
C PRO B 93 -24.11 -7.98 4.67
N THR B 94 -22.83 -8.24 4.92
CA THR B 94 -22.23 -7.84 6.20
C THR B 94 -21.50 -6.51 6.25
N ILE B 95 -21.15 -5.96 5.08
CA ILE B 95 -20.43 -4.70 5.02
C ILE B 95 -21.17 -3.56 5.76
N PRO B 96 -20.53 -2.97 6.77
CA PRO B 96 -21.14 -1.88 7.54
C PRO B 96 -21.44 -0.67 6.65
N ILE B 97 -22.73 -0.42 6.42
CA ILE B 97 -23.14 0.69 5.60
C ILE B 97 -23.59 1.85 6.46
N GLY B 98 -22.81 2.93 6.42
CA GLY B 98 -23.14 4.13 7.18
C GLY B 98 -23.29 5.26 6.21
N LEU B 99 -24.27 6.15 6.45
CA LEU B 99 -24.48 7.27 5.55
C LEU B 99 -23.97 8.56 6.18
N LEU B 100 -23.78 9.57 5.33
CA LEU B 100 -23.30 10.88 5.77
C LEU B 100 -24.06 11.96 5.01
N MET B 101 -24.88 12.72 5.73
CA MET B 101 -25.66 13.79 5.11
C MET B 101 -26.10 14.88 6.05
N TYR B 102 -26.75 15.89 5.50
CA TYR B 102 -27.26 17.02 6.25
C TYR B 102 -28.70 16.75 6.66
N ALA B 103 -29.22 17.56 7.56
CA ALA B 103 -30.56 17.40 8.09
C ALA B 103 -31.75 17.63 7.16
N ASN B 104 -31.56 18.33 6.05
CA ASN B 104 -32.68 18.59 5.16
C ASN B 104 -33.40 17.35 4.66
N LEU B 105 -32.67 16.47 3.98
CA LEU B 105 -33.29 15.26 3.45
C LEU B 105 -34.11 14.58 4.54
N VAL B 106 -33.51 14.43 5.73
CA VAL B 106 -34.19 13.82 6.87
C VAL B 106 -35.40 14.65 7.26
N PHE B 107 -35.18 15.95 7.44
CA PHE B 107 -36.29 16.83 7.79
C PHE B 107 -37.37 16.78 6.72
N ASN B 108 -36.98 16.41 5.51
CA ASN B 108 -37.91 16.31 4.39
C ASN B 108 -38.88 15.14 4.50
N LYS B 109 -38.35 13.94 4.70
CA LYS B 109 -39.15 12.73 4.80
C LYS B 109 -39.66 12.41 6.21
N GLY B 110 -39.70 13.40 7.09
CA GLY B 110 -40.14 13.15 8.45
C GLY B 110 -39.10 12.29 9.12
N ILE B 111 -38.46 12.83 10.16
CA ILE B 111 -37.40 12.11 10.86
C ILE B 111 -37.61 10.60 10.92
N ASP B 112 -38.67 10.17 11.59
CA ASP B 112 -38.97 8.75 11.72
C ASP B 112 -38.98 7.95 10.41
N GLU B 113 -39.80 8.37 9.46
CA GLU B 113 -39.88 7.65 8.19
C GLU B 113 -38.51 7.52 7.51
N PHE B 114 -37.62 8.48 7.78
CA PHE B 114 -36.29 8.42 7.17
C PHE B 114 -35.60 7.19 7.71
N TYR B 115 -35.32 7.21 9.01
CA TYR B 115 -34.66 6.09 9.67
C TYR B 115 -35.36 4.76 9.41
N ALA B 116 -36.68 4.77 9.42
CA ALA B 116 -37.43 3.55 9.16
C ALA B 116 -37.10 3.05 7.75
N ARG B 117 -36.89 4.00 6.83
CA ARG B 117 -36.56 3.69 5.45
C ARG B 117 -35.10 3.29 5.33
N CYS B 118 -34.31 3.64 6.34
CA CYS B 118 -32.89 3.29 6.36
C CYS B 118 -32.77 1.89 6.92
N GLU B 119 -33.60 1.60 7.91
CA GLU B 119 -33.61 0.29 8.53
C GLU B 119 -34.11 -0.75 7.54
N LYS B 120 -34.87 -0.30 6.54
CA LYS B 120 -35.42 -1.22 5.54
C LYS B 120 -34.52 -1.49 4.35
N VAL B 121 -33.56 -0.61 4.08
CA VAL B 121 -32.66 -0.79 2.95
C VAL B 121 -31.31 -1.39 3.34
N GLY B 122 -31.02 -1.42 4.64
CA GLY B 122 -29.75 -2.01 5.07
C GLY B 122 -28.80 -1.14 5.86
N VAL B 123 -28.82 0.17 5.62
CA VAL B 123 -27.93 1.08 6.33
C VAL B 123 -27.82 0.69 7.78
N ASP B 124 -26.65 0.87 8.38
CA ASP B 124 -26.45 0.51 9.78
C ASP B 124 -26.35 1.74 10.67
N SER B 125 -25.95 2.86 10.07
CA SER B 125 -25.81 4.09 10.83
C SER B 125 -26.04 5.31 9.95
N VAL B 126 -26.32 6.45 10.57
CA VAL B 126 -26.57 7.69 9.83
C VAL B 126 -26.11 8.92 10.62
N LEU B 127 -25.10 9.61 10.09
CA LEU B 127 -24.53 10.81 10.70
C LEU B 127 -25.09 12.08 10.06
N VAL B 128 -25.87 12.83 10.82
CA VAL B 128 -26.49 14.05 10.33
C VAL B 128 -25.74 15.32 10.71
N ALA B 129 -24.73 15.63 9.92
CA ALA B 129 -23.91 16.82 10.15
C ALA B 129 -24.60 17.95 10.92
N ASP B 130 -25.14 18.92 10.18
CA ASP B 130 -25.78 20.11 10.74
C ASP B 130 -26.47 19.97 12.09
N VAL B 131 -26.95 18.78 12.43
CA VAL B 131 -27.61 18.59 13.71
C VAL B 131 -26.56 18.70 14.82
N PRO B 132 -26.66 19.71 15.68
CA PRO B 132 -25.68 19.84 16.75
C PRO B 132 -25.97 18.76 17.77
N VAL B 133 -25.00 18.45 18.63
CA VAL B 133 -25.18 17.37 19.61
C VAL B 133 -26.39 17.49 20.53
N GLU B 134 -26.62 18.69 21.06
CA GLU B 134 -27.72 18.92 21.98
C GLU B 134 -29.10 18.90 21.34
N GLU B 135 -29.16 19.00 20.02
CA GLU B 135 -30.43 19.00 19.32
C GLU B 135 -30.66 17.70 18.54
N SER B 136 -29.86 16.69 18.86
CA SER B 136 -29.93 15.40 18.20
C SER B 136 -31.09 14.54 18.67
N ALA B 137 -31.56 14.78 19.89
CA ALA B 137 -32.64 14.02 20.52
C ALA B 137 -33.59 13.25 19.60
N PRO B 138 -34.36 13.94 18.75
CA PRO B 138 -35.28 13.24 17.86
C PRO B 138 -34.64 12.24 16.89
N PHE B 139 -33.36 12.46 16.56
CA PHE B 139 -32.66 11.57 15.64
C PHE B 139 -32.12 10.36 16.41
N ARG B 140 -31.51 10.66 17.55
CA ARG B 140 -30.95 9.62 18.40
C ARG B 140 -32.03 8.61 18.74
N GLN B 141 -33.26 9.10 18.85
CA GLN B 141 -34.40 8.26 19.17
C GLN B 141 -34.85 7.49 17.94
N ALA B 142 -35.10 8.23 16.85
CA ALA B 142 -35.53 7.66 15.59
C ALA B 142 -34.64 6.52 15.12
N ALA B 143 -33.33 6.71 15.22
CA ALA B 143 -32.40 5.68 14.80
C ALA B 143 -32.51 4.49 15.72
N LEU B 144 -32.71 4.76 17.01
CA LEU B 144 -32.82 3.68 17.97
C LEU B 144 -34.13 2.95 17.78
N ARG B 145 -35.18 3.68 17.40
CA ARG B 145 -36.49 3.06 17.17
C ARG B 145 -36.44 2.12 15.96
N HIS B 146 -35.68 2.50 14.94
CA HIS B 146 -35.58 1.71 13.73
C HIS B 146 -34.23 1.05 13.54
N ASN B 147 -33.66 0.56 14.64
CA ASN B 147 -32.37 -0.13 14.63
C ASN B 147 -31.30 0.43 13.67
N VAL B 148 -30.94 1.68 13.90
CA VAL B 148 -29.92 2.36 13.12
C VAL B 148 -29.03 2.98 14.18
N ALA B 149 -27.74 3.08 13.89
CA ALA B 149 -26.83 3.65 14.88
C ALA B 149 -26.72 5.16 14.76
N PRO B 150 -26.99 5.88 15.86
CA PRO B 150 -26.92 7.34 15.91
C PRO B 150 -25.43 7.68 15.98
N ILE B 151 -24.92 8.32 14.94
CA ILE B 151 -23.51 8.68 14.89
C ILE B 151 -23.28 10.17 15.18
N PHE B 152 -22.21 10.47 15.91
CA PHE B 152 -21.86 11.84 16.27
C PHE B 152 -20.42 12.22 15.91
N ILE B 153 -20.13 13.52 15.88
CA ILE B 153 -18.80 13.97 15.54
C ILE B 153 -18.09 14.49 16.79
N CYS B 154 -16.87 14.02 17.02
CA CYS B 154 -16.07 14.45 18.16
C CYS B 154 -14.92 15.31 17.63
N PRO B 155 -15.03 16.63 17.78
CA PRO B 155 -13.99 17.54 17.30
C PRO B 155 -12.68 17.32 18.03
N PRO B 156 -11.55 17.64 17.39
CA PRO B 156 -10.22 17.47 18.01
C PRO B 156 -10.08 18.21 19.33
N ASN B 157 -10.90 19.24 19.53
CA ASN B 157 -10.85 20.05 20.75
C ASN B 157 -12.07 19.87 21.66
N ALA B 158 -12.58 18.65 21.73
CA ALA B 158 -13.76 18.35 22.55
C ALA B 158 -13.42 18.30 24.03
N ASP B 159 -14.18 19.04 24.84
CA ASP B 159 -13.95 19.06 26.28
C ASP B 159 -14.48 17.79 26.93
N ASP B 160 -13.98 17.47 28.12
CA ASP B 160 -14.40 16.27 28.82
C ASP B 160 -15.90 16.10 28.81
N ASP B 161 -16.63 17.21 28.93
CA ASP B 161 -18.08 17.15 28.91
C ASP B 161 -18.56 16.51 27.61
N LEU B 162 -18.30 17.19 26.49
CA LEU B 162 -18.71 16.70 25.18
C LEU B 162 -18.33 15.22 24.99
N LEU B 163 -17.10 14.86 25.34
CA LEU B 163 -16.69 13.48 25.19
C LEU B 163 -17.71 12.55 25.82
N ARG B 164 -18.06 12.85 27.07
CA ARG B 164 -19.04 12.06 27.82
C ARG B 164 -20.40 11.99 27.12
N GLN B 165 -20.83 13.13 26.59
CA GLN B 165 -22.09 13.19 25.88
C GLN B 165 -22.03 12.18 24.74
N ILE B 166 -21.19 12.48 23.75
CA ILE B 166 -21.00 11.63 22.59
C ILE B 166 -20.90 10.15 22.92
N ALA B 167 -19.96 9.82 23.79
CA ALA B 167 -19.75 8.44 24.18
C ALA B 167 -21.03 7.67 24.47
N SER B 168 -21.89 8.23 25.32
CA SER B 168 -23.12 7.56 25.70
C SER B 168 -24.17 7.55 24.60
N TYR B 169 -24.38 8.70 23.98
CA TYR B 169 -25.39 8.85 22.93
C TYR B 169 -25.19 8.04 21.66
N GLY B 170 -23.94 7.81 21.28
CA GLY B 170 -23.66 7.09 20.04
C GLY B 170 -23.44 5.59 20.10
N ARG B 171 -23.93 4.91 19.06
CA ARG B 171 -23.79 3.47 18.91
C ARG B 171 -23.00 3.23 17.63
N GLY B 172 -22.57 1.98 17.40
CA GLY B 172 -21.83 1.67 16.19
C GLY B 172 -20.38 2.11 16.15
N TYR B 173 -20.13 3.27 15.55
CA TYR B 173 -18.78 3.82 15.47
C TYR B 173 -18.77 5.28 15.93
N THR B 174 -17.59 5.88 16.00
CA THR B 174 -17.47 7.27 16.42
C THR B 174 -16.66 8.08 15.41
N TYR B 175 -17.20 9.20 14.94
CA TYR B 175 -16.48 10.00 13.96
C TYR B 175 -15.56 11.02 14.64
N LEU B 176 -14.28 10.68 14.70
CA LEU B 176 -13.26 11.52 15.32
C LEU B 176 -12.71 12.55 14.34
N LEU B 177 -12.95 13.82 14.62
CA LEU B 177 -12.48 14.89 13.74
C LEU B 177 -10.99 15.19 13.95
N SER B 178 -10.24 15.22 12.86
CA SER B 178 -8.81 15.47 12.95
C SER B 178 -8.52 16.92 13.26
N ARG B 179 -7.33 17.18 13.79
CA ARG B 179 -6.89 18.53 14.14
C ARG B 179 -6.67 19.38 12.87
N ALA B 180 -7.22 18.90 11.76
CA ALA B 180 -7.12 19.58 10.49
C ALA B 180 -8.49 20.13 10.09
N GLY B 181 -9.51 19.75 10.84
CA GLY B 181 -10.86 20.21 10.55
C GLY B 181 -11.53 20.86 11.74
N ALA B 189 -8.53 24.33 21.22
CA ALA B 189 -7.27 23.79 20.72
C ALA B 189 -7.38 22.29 20.54
N ALA B 190 -6.78 21.78 19.48
CA ALA B 190 -6.82 20.35 19.18
C ALA B 190 -5.82 19.57 20.02
N LEU B 191 -6.34 18.68 20.85
CA LEU B 191 -5.50 17.84 21.70
C LEU B 191 -5.00 16.72 20.81
N PRO B 192 -3.79 16.21 21.06
CA PRO B 192 -3.29 15.13 20.22
C PRO B 192 -4.29 13.98 20.15
N LEU B 193 -4.52 13.49 18.94
CA LEU B 193 -5.46 12.42 18.66
C LEU B 193 -5.29 11.13 19.45
N ASN B 194 -4.39 11.13 20.44
CA ASN B 194 -4.19 9.94 21.25
C ASN B 194 -5.03 10.06 22.52
N HIS B 195 -5.01 11.26 23.10
CA HIS B 195 -5.78 11.56 24.29
C HIS B 195 -7.24 11.18 24.06
N LEU B 196 -7.75 11.57 22.90
CA LEU B 196 -9.14 11.31 22.50
C LEU B 196 -9.49 9.84 22.48
N VAL B 197 -8.77 9.06 21.70
CA VAL B 197 -9.01 7.62 21.62
C VAL B 197 -9.08 7.03 23.03
N ALA B 198 -8.18 7.48 23.90
CA ALA B 198 -8.16 7.00 25.28
C ALA B 198 -9.42 7.45 25.98
N LYS B 199 -9.69 8.75 25.94
CA LYS B 199 -10.85 9.30 26.60
C LYS B 199 -12.14 8.64 26.14
N LEU B 200 -12.07 7.92 25.03
CA LEU B 200 -13.24 7.21 24.55
C LEU B 200 -13.16 5.81 25.18
N LYS B 201 -12.02 5.16 25.05
CA LYS B 201 -11.83 3.83 25.62
C LYS B 201 -12.33 3.87 27.05
N GLU B 202 -12.12 5.01 27.69
CA GLU B 202 -12.53 5.22 29.08
C GLU B 202 -14.04 5.26 29.24
N TYR B 203 -14.70 6.15 28.52
CA TYR B 203 -16.15 6.28 28.61
C TYR B 203 -16.92 5.37 27.65
N ASN B 204 -16.39 4.17 27.44
CA ASN B 204 -17.00 3.15 26.58
C ASN B 204 -17.70 3.66 25.33
N ALA B 205 -17.07 4.60 24.61
CA ALA B 205 -17.68 5.11 23.40
C ALA B 205 -17.43 4.15 22.25
N ALA B 206 -18.31 4.20 21.27
CA ALA B 206 -18.18 3.35 20.11
C ALA B 206 -16.78 3.54 19.51
N PRO B 207 -16.25 2.52 18.82
CA PRO B 207 -14.93 2.60 18.21
C PRO B 207 -14.83 3.82 17.29
N PRO B 208 -13.79 4.65 17.49
CA PRO B 208 -13.58 5.86 16.70
C PRO B 208 -12.89 5.70 15.33
N LEU B 209 -13.54 6.25 14.32
CA LEU B 209 -13.03 6.22 12.96
C LEU B 209 -12.63 7.65 12.64
N GLN B 210 -11.35 7.89 12.53
CA GLN B 210 -10.85 9.23 12.25
C GLN B 210 -11.04 9.61 10.78
N GLY B 211 -11.56 10.81 10.55
CA GLY B 211 -11.79 11.29 9.20
C GLY B 211 -11.32 12.73 9.04
N PHE B 212 -11.23 13.16 7.77
CA PHE B 212 -10.79 14.52 7.38
C PHE B 212 -9.29 14.68 7.07
N GLY B 213 -8.98 14.90 5.79
CA GLY B 213 -7.61 15.09 5.35
C GLY B 213 -6.71 13.88 5.37
N ILE B 214 -7.30 12.68 5.30
CA ILE B 214 -6.52 11.45 5.32
C ILE B 214 -6.67 10.76 3.98
N SER B 215 -5.77 11.05 3.06
CA SER B 215 -5.81 10.47 1.73
C SER B 215 -4.46 9.86 1.41
N ALA B 216 -3.81 9.28 2.41
CA ALA B 216 -2.50 8.69 2.20
C ALA B 216 -2.27 7.55 3.18
N PRO B 217 -1.58 6.49 2.72
CA PRO B 217 -1.30 5.35 3.61
C PRO B 217 -0.61 5.88 4.86
N ASP B 218 0.17 6.94 4.68
CA ASP B 218 0.90 7.59 5.77
C ASP B 218 0.00 7.92 6.94
N GLN B 219 -0.95 8.81 6.65
CA GLN B 219 -1.92 9.29 7.61
C GLN B 219 -2.82 8.17 8.15
N VAL B 220 -3.15 7.20 7.29
CA VAL B 220 -3.98 6.08 7.72
C VAL B 220 -3.15 5.24 8.69
N LYS B 221 -1.90 5.01 8.31
CA LYS B 221 -0.96 4.24 9.11
C LYS B 221 -0.82 4.85 10.49
N ALA B 222 -0.75 6.18 10.54
CA ALA B 222 -0.59 6.90 11.79
C ALA B 222 -1.91 6.92 12.56
N ALA B 223 -3.00 7.16 11.85
CA ALA B 223 -4.30 7.21 12.47
C ALA B 223 -4.44 5.98 13.38
N ILE B 224 -4.18 4.81 12.82
CA ILE B 224 -4.29 3.57 13.59
C ILE B 224 -3.28 3.44 14.72
N ASP B 225 -2.05 3.87 14.49
CA ASP B 225 -1.09 3.75 15.58
C ASP B 225 -1.57 4.55 16.77
N ALA B 226 -2.17 5.71 16.49
CA ALA B 226 -2.68 6.58 17.54
C ALA B 226 -3.82 5.91 18.32
N GLY B 227 -4.24 4.74 17.86
CA GLY B 227 -5.29 4.02 18.57
C GLY B 227 -6.68 4.12 17.99
N ALA B 228 -6.83 4.82 16.86
CA ALA B 228 -8.14 4.94 16.23
C ALA B 228 -8.46 3.58 15.66
N ALA B 229 -9.74 3.28 15.50
CA ALA B 229 -10.17 1.98 14.98
C ALA B 229 -10.26 1.92 13.46
N GLY B 230 -10.00 3.05 12.80
CA GLY B 230 -10.07 3.09 11.35
C GLY B 230 -10.07 4.49 10.75
N ALA B 231 -9.72 4.57 9.47
CA ALA B 231 -9.67 5.86 8.80
C ALA B 231 -10.68 5.99 7.66
N ILE B 232 -10.96 7.24 7.30
CA ILE B 232 -11.92 7.56 6.26
C ILE B 232 -11.31 8.57 5.28
N SER B 233 -11.49 8.34 3.99
CA SER B 233 -10.99 9.24 2.97
C SER B 233 -12.08 9.42 1.92
N GLY B 234 -12.14 10.60 1.32
CA GLY B 234 -13.15 10.87 0.29
C GLY B 234 -12.67 11.78 -0.82
N SER B 235 -11.83 12.74 -0.48
CA SER B 235 -11.27 13.65 -1.47
C SER B 235 -10.58 12.86 -2.58
N ALA B 236 -9.59 12.06 -2.20
CA ALA B 236 -8.85 11.25 -3.16
C ALA B 236 -9.78 10.46 -4.06
N ILE B 237 -10.80 9.84 -3.44
CA ILE B 237 -11.78 9.04 -4.16
C ILE B 237 -12.45 9.91 -5.22
N VAL B 238 -12.63 11.18 -4.89
CA VAL B 238 -13.25 12.12 -5.81
C VAL B 238 -12.30 12.47 -6.94
N LYS B 239 -11.11 12.94 -6.58
CA LYS B 239 -10.08 13.31 -7.57
C LYS B 239 -9.91 12.22 -8.64
N ILE B 240 -9.77 10.97 -8.21
CA ILE B 240 -9.60 9.87 -9.15
C ILE B 240 -10.81 9.75 -10.09
N ILE B 241 -12.01 9.83 -9.53
CA ILE B 241 -13.23 9.77 -10.32
C ILE B 241 -13.20 10.92 -11.32
N GLU B 242 -12.58 12.03 -10.90
CA GLU B 242 -12.49 13.23 -11.72
C GLU B 242 -11.58 13.03 -12.93
N GLN B 243 -10.33 12.64 -12.68
CA GLN B 243 -9.37 12.43 -13.76
C GLN B 243 -9.80 11.33 -14.73
N HIS B 244 -10.72 10.47 -14.30
CA HIS B 244 -11.18 9.38 -15.14
C HIS B 244 -12.69 9.39 -15.37
N ILE B 245 -13.31 10.57 -15.31
CA ILE B 245 -14.76 10.67 -15.50
C ILE B 245 -15.12 10.47 -16.96
N ASN B 246 -14.17 9.96 -17.74
CA ASN B 246 -14.35 9.68 -19.16
C ASN B 246 -13.99 8.23 -19.44
N GLU B 247 -13.24 7.65 -18.51
CA GLU B 247 -12.80 6.27 -18.65
C GLU B 247 -13.43 5.41 -17.55
N PRO B 248 -14.72 5.05 -17.70
CA PRO B 248 -15.45 4.23 -16.73
C PRO B 248 -14.66 3.00 -16.27
N GLU B 249 -13.98 2.36 -17.22
CA GLU B 249 -13.20 1.17 -16.92
C GLU B 249 -11.85 1.54 -16.32
N LYS B 250 -11.28 2.65 -16.77
CA LYS B 250 -9.99 3.09 -16.25
C LYS B 250 -10.16 3.66 -14.84
N MET B 251 -11.26 4.40 -14.65
CA MET B 251 -11.58 5.00 -13.37
C MET B 251 -11.55 4.00 -12.23
N LEU B 252 -12.06 2.79 -12.49
CA LEU B 252 -12.10 1.73 -11.49
C LEU B 252 -10.73 1.20 -11.12
N ALA B 253 -9.85 1.08 -12.12
CA ALA B 253 -8.51 0.58 -11.88
C ALA B 253 -7.78 1.51 -10.93
N ALA B 254 -7.89 2.82 -11.20
CA ALA B 254 -7.24 3.83 -10.36
C ALA B 254 -7.75 3.66 -8.95
N LEU B 255 -9.06 3.45 -8.82
CA LEU B 255 -9.66 3.26 -7.51
C LEU B 255 -9.22 1.91 -6.93
N LYS B 256 -9.13 0.90 -7.78
CA LYS B 256 -8.70 -0.42 -7.34
C LYS B 256 -7.26 -0.32 -6.87
N VAL B 257 -6.50 0.56 -7.50
CA VAL B 257 -5.11 0.80 -7.16
C VAL B 257 -5.02 1.67 -5.91
N PHE B 258 -6.03 2.50 -5.71
CA PHE B 258 -6.04 3.40 -4.56
C PHE B 258 -6.24 2.72 -3.21
N VAL B 259 -7.22 1.84 -3.13
CA VAL B 259 -7.50 1.15 -1.87
C VAL B 259 -6.34 0.34 -1.30
N GLN B 260 -6.17 -0.88 -1.80
CA GLN B 260 -5.12 -1.78 -1.32
C GLN B 260 -4.06 -1.11 -0.45
N PRO B 261 -3.30 -0.15 -1.00
CA PRO B 261 -2.29 0.49 -0.17
C PRO B 261 -2.93 1.09 1.08
N MET B 262 -3.83 2.05 0.90
CA MET B 262 -4.53 2.68 2.03
C MET B 262 -4.99 1.61 3.03
N LYS B 263 -5.71 0.62 2.52
CA LYS B 263 -6.20 -0.47 3.37
C LYS B 263 -5.06 -1.22 4.04
N ALA B 264 -3.96 -1.40 3.32
CA ALA B 264 -2.80 -2.11 3.85
C ALA B 264 -2.15 -1.30 4.97
N ALA B 265 -2.33 0.01 4.92
CA ALA B 265 -1.76 0.89 5.93
C ALA B 265 -2.39 0.67 7.30
N THR B 266 -3.38 -0.22 7.38
CA THR B 266 -4.05 -0.49 8.64
C THR B 266 -3.70 -1.84 9.25
N ARG B 267 -2.60 -2.45 8.84
CA ARG B 267 -2.23 -3.76 9.35
C ARG B 267 -0.93 -3.93 10.14
N SER B 268 -0.80 -5.12 10.72
CA SER B 268 0.35 -5.60 11.49
C SER B 268 1.39 -4.60 11.98
S SO4 C . 8.99 -0.81 -11.41
O1 SO4 C . 9.53 0.56 -11.49
O2 SO4 C . 7.53 -0.79 -11.61
O3 SO4 C . 9.30 -1.37 -10.08
O4 SO4 C . 9.59 -1.65 -12.46
C1 GOL D . 14.08 -3.40 -15.38
O1 GOL D . 12.66 -3.54 -15.21
C2 GOL D . 14.60 -4.29 -16.53
O2 GOL D . 16.03 -4.12 -16.63
C3 GOL D . 13.94 -3.88 -17.86
O3 GOL D . 14.44 -4.71 -18.92
S SO4 E . -11.23 13.86 3.04
O1 SO4 E . -11.91 14.51 1.90
O2 SO4 E . -11.09 12.42 2.77
O3 SO4 E . -12.01 14.09 4.27
O4 SO4 E . -9.88 14.46 3.20
C1 GOL F . -14.87 15.70 7.82
O1 GOL F . -14.76 15.22 6.47
C2 GOL F . -16.21 16.43 8.09
O2 GOL F . -16.26 16.90 9.43
C3 GOL F . -17.40 15.49 7.83
O3 GOL F . -18.60 16.20 8.09
#